data_2CFJ
#
_entry.id   2CFJ
#
_cell.length_a   1.000
_cell.length_b   1.000
_cell.length_c   1.000
_cell.angle_alpha   90.00
_cell.angle_beta   90.00
_cell.angle_gamma   90.00
#
_symmetry.space_group_name_H-M   'P 1'
#
_entity_poly.entity_id   1
_entity_poly.type   'polypeptide(L)'
_entity_poly.pdbx_seq_one_letter_code
;CRKAGVGQSWKEN(SEP)PLNVS
;
_entity_poly.pdbx_strand_id   A
#
# COMPACT_ATOMS: atom_id res chain seq x y z
N CYS A 1 -2.25 0.31 10.55
CA CYS A 1 -3.00 0.96 9.44
C CYS A 1 -2.36 2.33 9.08
N ARG A 2 -2.34 2.71 7.78
CA ARG A 2 -1.77 3.99 7.30
C ARG A 2 -2.33 4.33 5.90
N LYS A 3 -3.31 5.24 5.85
CA LYS A 3 -4.02 5.73 4.64
C LYS A 3 -4.81 4.61 3.91
N ALA A 4 -4.11 3.73 3.18
CA ALA A 4 -4.68 2.57 2.49
C ALA A 4 -5.09 1.48 3.49
N GLY A 5 -6.03 0.60 3.09
CA GLY A 5 -6.55 -0.51 3.90
C GLY A 5 -5.59 -1.69 4.03
N VAL A 6 -4.35 -1.42 4.45
CA VAL A 6 -3.21 -2.36 4.49
C VAL A 6 -2.02 -1.77 5.27
N GLY A 7 -1.56 -0.59 4.86
CA GLY A 7 -0.48 0.16 5.52
C GLY A 7 0.93 -0.31 5.13
N GLN A 8 1.17 -0.45 3.81
CA GLN A 8 2.46 -0.77 3.18
C GLN A 8 2.98 -2.20 3.50
N SER A 9 2.10 -3.21 3.61
CA SER A 9 2.47 -4.62 3.90
C SER A 9 2.87 -5.47 2.66
N TRP A 10 3.35 -4.84 1.57
CA TRP A 10 3.72 -5.46 0.29
C TRP A 10 5.26 -5.56 0.19
N LYS A 11 5.89 -5.08 -0.88
CA LYS A 11 7.37 -5.08 -1.06
C LYS A 11 8.06 -3.78 -0.57
N GLU A 12 7.37 -2.63 -0.71
CA GLU A 12 7.66 -1.30 -0.17
C GLU A 12 8.57 -0.40 -1.01
N ASN A 13 8.30 0.91 -0.93
CA ASN A 13 8.82 2.06 -1.71
C ASN A 13 7.92 2.32 -2.94
N SEP A 14 6.86 3.13 -2.73
CA SEP A 14 5.90 3.67 -3.72
CB SEP A 14 6.63 4.34 -4.89
OG SEP A 14 5.74 5.22 -5.59
C SEP A 14 4.81 2.65 -4.16
O SEP A 14 4.95 2.03 -5.24
P SEP A 14 6.21 6.13 -6.84
O1P SEP A 14 6.69 5.16 -7.87
O2P SEP A 14 4.96 6.84 -7.23
O3P SEP A 14 7.27 7.02 -6.30
H SEP A 14 6.80 3.50 -1.79
HA SEP A 14 5.37 4.48 -3.21
HB2 SEP A 14 7.04 3.59 -5.57
N PRO A 15 3.76 2.42 -3.35
CA PRO A 15 2.69 1.45 -3.62
C PRO A 15 1.75 1.90 -4.74
N LEU A 16 0.85 1.00 -5.14
CA LEU A 16 -0.15 1.20 -6.19
C LEU A 16 -1.48 0.50 -5.88
N ASN A 17 -2.50 0.82 -6.67
CA ASN A 17 -3.92 0.45 -6.53
C ASN A 17 -4.57 1.18 -5.35
N VAL A 18 -5.10 2.37 -5.63
CA VAL A 18 -5.71 3.29 -4.62
C VAL A 18 -7.08 2.79 -4.16
N SER A 19 -7.90 2.28 -5.10
CA SER A 19 -9.29 1.82 -4.91
C SER A 19 -9.87 1.09 -6.13
N CYS A 1 -13.53 3.08 4.19
CA CYS A 1 -13.39 3.47 2.76
C CYS A 1 -12.35 2.59 2.05
N ARG A 2 -12.48 2.36 0.73
CA ARG A 2 -11.50 1.60 -0.07
C ARG A 2 -10.22 2.44 -0.28
N LYS A 3 -9.06 1.89 0.12
CA LYS A 3 -7.75 2.57 0.05
C LYS A 3 -6.58 1.56 0.07
N ALA A 4 -6.36 0.89 1.20
CA ALA A 4 -5.29 -0.11 1.43
C ALA A 4 -5.43 -0.86 2.77
N GLY A 5 -5.73 -0.15 3.87
CA GLY A 5 -5.94 -0.70 5.22
C GLY A 5 -4.63 -1.05 5.94
N VAL A 6 -3.78 -1.86 5.31
CA VAL A 6 -2.47 -2.28 5.84
C VAL A 6 -1.46 -1.11 5.99
N GLY A 7 -1.52 -0.15 5.06
CA GLY A 7 -0.59 0.98 4.92
C GLY A 7 0.56 0.58 3.99
N GLN A 8 1.41 -0.32 4.47
CA GLN A 8 2.44 -1.01 3.71
C GLN A 8 2.67 -2.43 4.29
N SER A 9 2.26 -3.47 3.56
CA SER A 9 2.55 -4.89 3.87
C SER A 9 2.62 -5.73 2.57
N TRP A 10 3.36 -5.22 1.57
CA TRP A 10 3.47 -5.77 0.21
C TRP A 10 4.97 -5.88 -0.15
N LYS A 11 5.45 -5.32 -1.27
CA LYS A 11 6.90 -5.28 -1.63
C LYS A 11 7.62 -4.01 -1.10
N GLU A 12 6.90 -2.89 -1.05
CA GLU A 12 7.23 -1.60 -0.41
C GLU A 12 8.03 -0.59 -1.26
N ASN A 13 7.78 0.69 -0.96
CA ASN A 13 8.19 1.93 -1.67
C ASN A 13 7.12 2.31 -2.72
N SEP A 14 6.33 3.36 -2.41
CA SEP A 14 5.20 3.93 -3.19
CB SEP A 14 5.68 4.87 -4.31
OG SEP A 14 6.55 4.27 -5.27
C SEP A 14 4.07 2.93 -3.61
O SEP A 14 4.03 2.50 -4.77
P SEP A 14 7.16 5.09 -6.54
O1P SEP A 14 7.96 4.05 -7.26
O2P SEP A 14 5.97 5.56 -7.30
O3P SEP A 14 7.98 6.16 -5.94
H SEP A 14 6.55 3.83 -1.55
HA SEP A 14 4.70 4.62 -2.51
HB2 SEP A 14 6.20 5.70 -3.84
N PRO A 15 3.16 2.56 -2.69
CA PRO A 15 2.04 1.66 -2.98
C PRO A 15 0.98 2.35 -3.85
N LEU A 16 0.79 1.82 -5.06
CA LEU A 16 -0.28 2.18 -6.01
C LEU A 16 -0.25 1.24 -7.22
N ASN A 17 -1.43 0.77 -7.65
CA ASN A 17 -1.55 -0.23 -8.74
C ASN A 17 -2.93 -0.42 -9.39
N VAL A 18 -3.89 0.41 -9.02
CA VAL A 18 -5.33 0.29 -9.35
C VAL A 18 -5.99 1.68 -9.32
N SER A 19 -5.71 2.47 -8.26
CA SER A 19 -6.07 3.89 -8.10
C SER A 19 -7.58 4.10 -7.88
N CYS A 1 -2.73 12.72 5.47
CA CYS A 1 -2.39 11.44 6.17
C CYS A 1 -2.90 10.21 5.39
N ARG A 2 -2.23 9.05 5.53
CA ARG A 2 -2.57 7.80 4.85
C ARG A 2 -3.81 7.12 5.46
N LYS A 3 -4.72 6.64 4.61
CA LYS A 3 -5.86 5.78 4.96
C LYS A 3 -5.73 4.42 4.23
N ALA A 4 -5.49 3.33 4.98
CA ALA A 4 -5.40 1.95 4.47
C ALA A 4 -5.42 0.92 5.62
N GLY A 5 -6.29 -0.09 5.54
CA GLY A 5 -6.38 -1.21 6.49
C GLY A 5 -5.30 -2.26 6.27
N VAL A 6 -4.03 -1.83 6.31
CA VAL A 6 -2.84 -2.65 5.96
C VAL A 6 -1.51 -2.00 6.38
N GLY A 7 -1.37 -0.67 6.20
CA GLY A 7 -0.16 0.08 6.60
C GLY A 7 1.04 -0.11 5.66
N GLN A 8 0.75 -0.32 4.37
CA GLN A 8 1.67 -0.74 3.30
C GLN A 8 2.40 -2.08 3.62
N SER A 9 1.76 -3.23 3.32
CA SER A 9 2.38 -4.58 3.42
C SER A 9 2.68 -5.23 2.05
N TRP A 10 2.41 -4.52 0.95
CA TRP A 10 2.41 -5.00 -0.43
C TRP A 10 3.80 -5.45 -0.96
N LYS A 11 4.84 -4.63 -0.73
CA LYS A 11 6.30 -4.88 -0.92
C LYS A 11 7.16 -3.69 -0.44
N GLU A 12 6.68 -2.47 -0.70
CA GLU A 12 7.13 -1.16 -0.19
C GLU A 12 8.19 -0.42 -1.03
N ASN A 13 8.10 0.93 -0.99
CA ASN A 13 8.78 1.95 -1.79
C ASN A 13 7.94 2.30 -3.04
N SEP A 14 6.99 3.23 -2.86
CA SEP A 14 6.12 3.87 -3.88
CB SEP A 14 6.95 4.43 -5.06
OG SEP A 14 6.19 5.36 -5.81
C SEP A 14 4.94 2.95 -4.35
O SEP A 14 5.03 2.33 -5.41
P SEP A 14 6.80 6.16 -7.09
O1P SEP A 14 5.64 6.98 -7.55
O2P SEP A 14 7.93 6.96 -6.55
O3P SEP A 14 7.20 5.10 -8.05
H SEP A 14 6.93 3.63 -1.93
HA SEP A 14 5.67 4.74 -3.42
HB2 SEP A 14 7.30 3.62 -5.70
N PRO A 15 3.85 2.85 -3.56
CA PRO A 15 2.72 1.98 -3.86
C PRO A 15 1.92 2.50 -5.07
N LEU A 16 1.59 1.59 -5.98
CA LEU A 16 0.82 1.84 -7.19
C LEU A 16 0.23 0.54 -7.75
N ASN A 17 -1.09 0.56 -7.98
CA ASN A 17 -1.86 -0.63 -8.42
C ASN A 17 -3.30 -0.42 -8.92
N VAL A 18 -3.79 0.82 -8.90
CA VAL A 18 -5.23 1.15 -9.12
C VAL A 18 -5.40 2.54 -9.75
N SER A 19 -4.65 3.55 -9.28
CA SER A 19 -4.74 4.96 -9.71
C SER A 19 -3.40 5.67 -9.69
N CYS A 1 -12.94 1.25 5.00
CA CYS A 1 -12.39 2.63 5.17
C CYS A 1 -11.99 3.24 3.82
N ARG A 2 -11.87 4.57 3.74
CA ARG A 2 -11.50 5.30 2.51
C ARG A 2 -10.02 5.10 2.14
N LYS A 3 -9.13 5.13 3.13
CA LYS A 3 -7.70 4.80 3.01
C LYS A 3 -7.45 3.28 3.20
N ALA A 4 -6.30 2.78 2.72
CA ALA A 4 -5.90 1.37 2.86
C ALA A 4 -5.53 1.01 4.31
N GLY A 5 -6.00 -0.14 4.79
CA GLY A 5 -5.84 -0.60 6.18
C GLY A 5 -4.61 -1.48 6.46
N VAL A 6 -3.92 -1.97 5.41
CA VAL A 6 -2.79 -2.92 5.54
C VAL A 6 -1.56 -2.32 6.24
N GLY A 7 -1.26 -1.05 6.02
CA GLY A 7 -0.12 -0.34 6.63
C GLY A 7 1.21 -0.58 5.89
N GLN A 8 1.17 -0.61 4.55
CA GLN A 8 2.30 -0.80 3.63
C GLN A 8 2.89 -2.24 3.65
N SER A 9 2.16 -3.26 4.09
CA SER A 9 2.65 -4.66 4.18
C SER A 9 2.72 -5.44 2.83
N TRP A 10 2.81 -4.76 1.69
CA TRP A 10 2.73 -5.32 0.32
C TRP A 10 4.11 -5.70 -0.26
N LYS A 11 5.00 -4.71 -0.48
CA LYS A 11 6.44 -4.88 -0.83
C LYS A 11 7.26 -3.60 -0.54
N GLU A 12 6.67 -2.42 -0.79
CA GLU A 12 7.09 -1.06 -0.41
C GLU A 12 7.95 -0.28 -1.44
N ASN A 13 7.73 1.04 -1.46
CA ASN A 13 8.18 2.08 -2.40
C ASN A 13 7.10 2.32 -3.49
N SEP A 14 6.13 3.19 -3.17
CA SEP A 14 5.01 3.69 -4.02
CB SEP A 14 5.52 4.29 -5.35
OG SEP A 14 6.44 5.36 -5.14
C SEP A 14 3.88 2.67 -4.24
O SEP A 14 3.83 2.02 -5.31
P SEP A 14 6.07 6.91 -5.41
O1P SEP A 14 4.88 7.19 -4.54
O2P SEP A 14 7.30 7.64 -4.99
O3P SEP A 14 5.79 7.00 -6.87
H SEP A 14 6.23 3.64 -2.27
HA SEP A 14 4.56 4.53 -3.49
HB2 SEP A 14 4.67 4.64 -5.93
N PRO A 15 2.95 2.48 -3.27
CA PRO A 15 1.86 1.51 -3.37
C PRO A 15 0.81 1.94 -4.41
N LEU A 16 0.31 0.93 -5.14
CA LEU A 16 -0.74 0.99 -6.17
C LEU A 16 -0.27 1.73 -7.42
N ASN A 17 -0.29 0.98 -8.53
CA ASN A 17 0.31 1.40 -9.82
C ASN A 17 -0.53 1.11 -11.08
N VAL A 18 -1.80 0.76 -10.86
CA VAL A 18 -2.75 0.24 -11.86
C VAL A 18 -4.18 0.58 -11.45
N SER A 19 -4.54 0.28 -10.18
CA SER A 19 -5.84 0.55 -9.51
C SER A 19 -6.90 -0.51 -9.87
N CYS A 1 -8.47 -1.20 -5.22
CA CYS A 1 -8.15 0.24 -5.48
C CYS A 1 -7.70 0.93 -4.16
N ARG A 2 -8.41 1.97 -3.69
CA ARG A 2 -8.12 2.69 -2.43
C ARG A 2 -8.63 1.92 -1.19
N LYS A 3 -8.30 2.40 0.01
CA LYS A 3 -8.83 1.94 1.31
C LYS A 3 -8.35 0.51 1.70
N ALA A 4 -7.07 0.19 1.45
CA ALA A 4 -6.46 -1.10 1.81
C ALA A 4 -6.19 -1.19 3.32
N GLY A 5 -6.72 -2.23 3.99
CA GLY A 5 -6.57 -2.48 5.44
C GLY A 5 -5.20 -3.08 5.80
N VAL A 6 -4.12 -2.42 5.35
CA VAL A 6 -2.73 -2.90 5.39
C VAL A 6 -1.74 -1.75 5.68
N GLY A 7 -1.82 -0.65 4.91
CA GLY A 7 -1.01 0.57 5.08
C GLY A 7 0.17 0.56 4.12
N GLN A 8 1.13 -0.32 4.37
CA GLN A 8 2.35 -0.49 3.55
C GLN A 8 3.09 -1.85 3.77
N SER A 9 2.46 -2.88 4.32
CA SER A 9 3.09 -4.20 4.56
C SER A 9 2.92 -5.16 3.37
N TRP A 10 3.46 -4.76 2.21
CA TRP A 10 3.39 -5.51 0.93
C TRP A 10 4.81 -5.86 0.38
N LYS A 11 5.63 -4.85 0.06
CA LYS A 11 7.09 -4.94 -0.26
C LYS A 11 7.80 -3.59 -0.13
N GLU A 12 7.11 -2.50 -0.54
CA GLU A 12 7.41 -1.07 -0.35
C GLU A 12 8.21 -0.39 -1.45
N ASN A 13 7.90 0.91 -1.63
CA ASN A 13 8.29 1.85 -2.71
C ASN A 13 7.22 1.86 -3.82
N SEP A 14 6.14 2.64 -3.59
CA SEP A 14 5.01 2.97 -4.49
CB SEP A 14 5.53 3.48 -5.85
OG SEP A 14 4.49 4.17 -6.55
C SEP A 14 3.95 1.84 -4.63
O SEP A 14 4.01 1.07 -5.60
P SEP A 14 4.73 4.86 -8.00
O1P SEP A 14 3.39 5.44 -8.31
O2P SEP A 14 5.79 5.89 -7.77
O3P SEP A 14 5.14 3.76 -8.90
H SEP A 14 6.17 3.15 -2.71
HA SEP A 14 4.50 3.82 -4.05
HB2 SEP A 14 5.91 2.65 -6.45
N PRO A 15 3.00 1.70 -3.68
CA PRO A 15 1.93 0.71 -3.73
C PRO A 15 0.90 1.10 -4.79
N LEU A 16 0.61 0.20 -5.73
CA LEU A 16 -0.32 0.37 -6.86
C LEU A 16 -0.09 1.70 -7.60
N ASN A 17 -0.94 2.70 -7.36
CA ASN A 17 -0.80 4.09 -7.79
C ASN A 17 -1.51 5.00 -6.76
N VAL A 18 -0.74 5.67 -5.91
CA VAL A 18 -1.27 6.54 -4.83
C VAL A 18 -1.73 7.90 -5.40
N SER A 19 -0.85 8.57 -6.18
CA SER A 19 -1.04 9.86 -6.86
C SER A 19 -1.02 11.06 -5.89
N CYS A 1 0.96 -10.88 14.45
CA CYS A 1 1.75 -9.64 14.68
C CYS A 1 1.61 -8.64 13.51
N ARG A 2 1.95 -7.36 13.75
CA ARG A 2 1.80 -6.19 12.84
C ARG A 2 0.33 -5.83 12.55
N LYS A 3 0.08 -4.60 12.11
CA LYS A 3 -1.23 -4.09 11.67
C LYS A 3 -1.08 -2.87 10.73
N ALA A 4 -1.66 -2.95 9.52
CA ALA A 4 -1.62 -1.94 8.43
C ALA A 4 -2.40 -2.40 7.18
N GLY A 5 -2.20 -3.66 6.76
CA GLY A 5 -2.83 -4.21 5.55
C GLY A 5 -2.23 -3.61 4.29
N VAL A 6 -2.92 -2.63 3.70
CA VAL A 6 -2.50 -1.97 2.43
C VAL A 6 -1.76 -0.64 2.68
N GLY A 7 -1.90 -0.03 3.86
CA GLY A 7 -1.31 1.29 4.21
C GLY A 7 0.21 1.37 4.06
N GLN A 8 0.88 0.21 4.16
CA GLN A 8 2.29 -0.13 3.85
C GLN A 8 2.67 -1.47 4.54
N SER A 9 2.21 -2.59 3.94
CA SER A 9 2.63 -3.96 4.27
C SER A 9 2.56 -4.90 3.03
N TRP A 10 2.47 -4.30 1.83
CA TRP A 10 2.20 -4.94 0.53
C TRP A 10 3.47 -5.40 -0.24
N LYS A 11 4.64 -4.94 0.24
CA LYS A 11 6.08 -5.18 -0.06
C LYS A 11 6.90 -3.91 0.27
N GLU A 12 6.28 -2.74 -0.02
CA GLU A 12 6.66 -1.37 0.38
C GLU A 12 7.73 -0.71 -0.50
N ASN A 13 7.67 0.64 -0.55
CA ASN A 13 8.39 1.58 -1.43
C ASN A 13 7.67 1.72 -2.79
N SEP A 14 6.74 2.70 -2.86
CA SEP A 14 5.98 3.16 -4.05
CB SEP A 14 6.91 3.45 -5.25
OG SEP A 14 6.25 4.26 -6.21
C SEP A 14 4.77 2.25 -4.41
O SEP A 14 4.85 1.46 -5.37
P SEP A 14 6.97 4.76 -7.58
O1P SEP A 14 7.34 3.51 -8.31
O2P SEP A 14 5.91 5.55 -8.24
O3P SEP A 14 8.13 5.57 -7.12
H SEP A 14 6.63 3.26 -2.03
HA SEP A 14 5.55 4.13 -3.78
HB2 SEP A 14 7.24 2.51 -5.70
N PRO A 15 3.64 2.32 -3.65
CA PRO A 15 2.46 1.48 -3.87
C PRO A 15 1.72 1.90 -5.15
N LEU A 16 1.13 0.90 -5.82
CA LEU A 16 0.23 1.08 -6.97
C LEU A 16 -1.22 0.88 -6.52
N ASN A 17 -2.05 1.88 -6.83
CA ASN A 17 -3.42 1.99 -6.31
C ASN A 17 -4.41 2.83 -7.16
N VAL A 18 -3.98 3.25 -8.33
CA VAL A 18 -4.66 4.24 -9.20
C VAL A 18 -4.28 4.01 -10.67
N SER A 19 -2.98 3.84 -10.96
CA SER A 19 -2.41 3.71 -12.31
C SER A 19 -0.94 3.23 -12.27
N CYS A 1 -10.96 -5.24 -4.54
CA CYS A 1 -10.07 -4.36 -5.35
C CYS A 1 -10.51 -2.87 -5.25
N ARG A 2 -9.78 -2.06 -4.45
CA ARG A 2 -10.02 -0.61 -4.27
C ARG A 2 -8.81 0.07 -3.60
N LYS A 3 -8.45 -0.37 -2.40
CA LYS A 3 -7.31 0.09 -1.56
C LYS A 3 -7.03 -0.91 -0.42
N ALA A 4 -5.75 -1.15 -0.11
CA ALA A 4 -5.32 -2.06 0.97
C ALA A 4 -5.43 -1.39 2.36
N GLY A 5 -5.88 -2.15 3.36
CA GLY A 5 -6.11 -1.65 4.74
C GLY A 5 -4.89 -1.70 5.66
N VAL A 6 -3.85 -2.46 5.30
CA VAL A 6 -2.65 -2.71 6.15
C VAL A 6 -1.75 -1.47 6.31
N GLY A 7 -1.71 -0.64 5.26
CA GLY A 7 -0.95 0.61 5.17
C GLY A 7 0.27 0.48 4.25
N GLN A 8 1.25 -0.34 4.65
CA GLN A 8 2.45 -0.76 3.89
C GLN A 8 3.14 -1.93 4.61
N SER A 9 2.76 -3.17 4.25
CA SER A 9 3.38 -4.42 4.72
C SER A 9 3.54 -5.45 3.58
N TRP A 10 3.63 -4.99 2.33
CA TRP A 10 3.77 -5.78 1.11
C TRP A 10 5.28 -5.91 0.76
N LYS A 11 5.73 -5.48 -0.42
CA LYS A 11 7.17 -5.39 -0.77
C LYS A 11 7.77 -3.98 -0.59
N GLU A 12 6.95 -2.93 -0.83
CA GLU A 12 7.17 -1.50 -0.54
C GLU A 12 7.97 -0.73 -1.61
N ASN A 13 7.58 0.55 -1.79
CA ASN A 13 8.09 1.64 -2.66
C ASN A 13 6.92 2.60 -3.01
N SEP A 14 5.95 2.13 -3.81
CA SEP A 14 4.78 2.89 -4.32
CB SEP A 14 5.11 3.53 -5.68
OG SEP A 14 6.03 4.61 -5.58
C SEP A 14 3.50 2.01 -4.44
O SEP A 14 3.25 1.43 -5.51
P SEP A 14 5.59 6.17 -5.71
O1P SEP A 14 5.11 6.31 -7.11
O2P SEP A 14 4.54 6.38 -4.68
O3P SEP A 14 6.86 6.91 -5.44
H SEP A 14 6.07 1.19 -4.16
HA SEP A 14 4.55 3.70 -3.63
HB2 SEP A 14 4.19 3.87 -6.15
N PRO A 15 2.70 1.87 -3.36
CA PRO A 15 1.43 1.16 -3.38
C PRO A 15 0.30 2.11 -3.80
N LEU A 16 -0.24 1.87 -5.00
CA LEU A 16 -1.31 2.63 -5.70
C LEU A 16 -1.35 2.20 -7.18
N ASN A 17 -0.25 2.48 -7.90
CA ASN A 17 -0.04 2.23 -9.33
C ASN A 17 -1.04 3.00 -10.23
N VAL A 18 -0.62 4.19 -10.68
CA VAL A 18 -1.47 5.13 -11.45
C VAL A 18 -1.44 4.81 -12.96
N SER A 19 -0.27 4.51 -13.52
CA SER A 19 -0.07 4.17 -14.94
C SER A 19 -0.38 2.69 -15.23
N CYS A 1 -0.10 2.19 10.15
CA CYS A 1 -0.20 3.65 9.84
C CYS A 1 -1.67 4.08 9.64
N ARG A 2 -1.96 5.38 9.80
CA ARG A 2 -3.34 5.94 9.73
C ARG A 2 -3.83 6.07 8.27
N LYS A 3 -2.94 6.43 7.34
CA LYS A 3 -3.19 6.48 5.89
C LYS A 3 -3.24 5.06 5.27
N ALA A 4 -4.01 4.89 4.18
CA ALA A 4 -4.12 3.70 3.31
C ALA A 4 -4.79 2.46 3.94
N GLY A 5 -4.87 2.35 5.27
CA GLY A 5 -5.64 1.32 6.01
C GLY A 5 -4.99 -0.06 6.05
N VAL A 6 -4.54 -0.57 4.89
CA VAL A 6 -3.98 -1.92 4.70
C VAL A 6 -2.66 -2.15 5.45
N GLY A 7 -1.89 -1.06 5.64
CA GLY A 7 -0.58 -1.08 6.31
C GLY A 7 0.57 -1.51 5.38
N GLN A 8 0.43 -1.18 4.10
CA GLN A 8 1.25 -1.63 2.96
C GLN A 8 1.51 -3.15 2.95
N SER A 9 2.74 -3.63 3.19
CA SER A 9 3.17 -5.06 3.16
C SER A 9 3.40 -5.63 1.74
N TRP A 10 3.04 -4.88 0.69
CA TRP A 10 3.06 -5.28 -0.72
C TRP A 10 4.47 -5.40 -1.35
N LYS A 11 5.46 -4.70 -0.74
CA LYS A 11 6.95 -4.70 -0.90
C LYS A 11 7.56 -3.39 -0.35
N GLU A 12 6.86 -2.27 -0.57
CA GLU A 12 7.05 -0.92 -0.01
C GLU A 12 8.09 -0.02 -0.72
N ASN A 13 7.80 1.28 -0.67
CA ASN A 13 8.40 2.43 -1.38
C ASN A 13 7.65 2.70 -2.71
N SEP A 14 6.63 3.57 -2.65
CA SEP A 14 5.77 4.07 -3.76
CB SEP A 14 6.61 4.71 -4.89
OG SEP A 14 7.36 5.84 -4.45
C SEP A 14 4.75 3.03 -4.31
O SEP A 14 5.01 2.43 -5.36
P SEP A 14 6.92 7.38 -4.76
O1P SEP A 14 7.03 7.49 -6.24
O2P SEP A 14 5.56 7.52 -4.21
O3P SEP A 14 7.96 8.16 -4.03
H SEP A 14 6.49 4.01 -1.76
HA SEP A 14 5.17 4.89 -3.36
HB2 SEP A 14 5.93 5.01 -5.70
N PRO A 15 3.61 2.79 -3.61
CA PRO A 15 2.58 1.84 -4.04
C PRO A 15 1.84 2.31 -5.29
N LEU A 16 1.22 1.35 -5.98
CA LEU A 16 0.39 1.55 -7.19
C LEU A 16 -0.82 0.61 -7.21
N ASN A 17 -0.64 -0.64 -6.78
CA ASN A 17 -1.66 -1.70 -6.73
C ASN A 17 -2.49 -1.73 -5.43
N VAL A 18 -2.29 -0.73 -4.59
CA VAL A 18 -2.77 -0.63 -3.19
C VAL A 18 -3.31 0.77 -2.89
N SER A 19 -2.66 1.82 -3.41
CA SER A 19 -3.07 3.23 -3.30
C SER A 19 -4.36 3.58 -4.05
N CYS A 1 -4.03 3.79 0.31
CA CYS A 1 -3.33 3.64 1.62
C CYS A 1 -4.32 3.51 2.79
N ARG A 2 -4.75 4.63 3.42
CA ARG A 2 -5.53 4.67 4.69
C ARG A 2 -6.83 3.85 4.69
N LYS A 3 -7.47 3.67 3.53
CA LYS A 3 -8.70 2.87 3.38
C LYS A 3 -8.51 1.36 3.67
N ALA A 4 -7.30 0.83 3.47
CA ALA A 4 -6.96 -0.57 3.74
C ALA A 4 -6.36 -0.75 5.17
N GLY A 5 -6.72 -1.84 5.86
CA GLY A 5 -6.21 -2.21 7.20
C GLY A 5 -4.80 -2.80 7.15
N VAL A 6 -3.86 -2.06 6.53
CA VAL A 6 -2.50 -2.52 6.18
C VAL A 6 -1.45 -1.41 6.40
N GLY A 7 -1.65 -0.22 5.82
CA GLY A 7 -0.74 0.94 5.92
C GLY A 7 0.36 0.91 4.85
N GLN A 8 1.12 -0.18 4.82
CA GLN A 8 2.15 -0.56 3.83
C GLN A 8 2.75 -1.93 4.21
N SER A 9 2.39 -3.00 3.48
CA SER A 9 2.93 -4.37 3.64
C SER A 9 2.73 -5.22 2.35
N TRP A 10 2.59 -4.55 1.20
CA TRP A 10 2.17 -5.09 -0.11
C TRP A 10 3.35 -5.47 -1.05
N LYS A 11 4.56 -5.02 -0.69
CA LYS A 11 5.95 -5.24 -1.19
C LYS A 11 6.82 -4.01 -0.84
N GLU A 12 6.20 -2.81 -0.94
CA GLU A 12 6.65 -1.50 -0.47
C GLU A 12 7.63 -0.75 -1.39
N ASN A 13 7.58 0.59 -1.31
CA ASN A 13 8.20 1.62 -2.15
C ASN A 13 7.25 2.03 -3.30
N SEP A 14 6.41 3.04 -3.03
CA SEP A 14 5.46 3.74 -3.93
CB SEP A 14 6.20 4.30 -5.16
OG SEP A 14 5.42 5.30 -5.80
C SEP A 14 4.20 2.90 -4.30
O SEP A 14 4.14 2.31 -5.39
P SEP A 14 5.96 6.15 -7.08
O1P SEP A 14 4.82 7.06 -7.38
O2P SEP A 14 7.17 6.86 -6.58
O3P SEP A 14 6.22 5.14 -8.14
H SEP A 14 6.51 3.46 -2.11
HA SEP A 14 5.10 4.61 -3.40
HB2 SEP A 14 6.43 3.49 -5.87
N PRO A 15 3.19 2.81 -3.39
CA PRO A 15 1.96 2.08 -3.62
C PRO A 15 1.05 2.82 -4.62
N LEU A 16 0.77 2.17 -5.76
CA LEU A 16 -0.12 2.63 -6.83
C LEU A 16 -0.34 1.54 -7.89
N ASN A 17 0.74 0.92 -8.37
CA ASN A 17 0.72 -0.13 -9.40
C ASN A 17 2.02 -0.96 -9.45
N VAL A 18 3.18 -0.30 -9.63
CA VAL A 18 4.60 -0.75 -9.73
C VAL A 18 5.25 -0.10 -10.96
N SER A 19 4.56 -0.17 -12.12
CA SER A 19 5.02 0.36 -13.42
C SER A 19 3.90 0.33 -14.47
N CYS A 1 4.06 -3.48 15.13
CA CYS A 1 4.22 -4.10 13.79
C CYS A 1 3.04 -5.01 13.42
N ARG A 2 2.92 -5.41 12.15
CA ARG A 2 1.93 -6.40 11.63
C ARG A 2 0.46 -5.96 11.82
N LYS A 3 0.19 -4.66 11.63
CA LYS A 3 -1.12 -4.02 11.89
C LYS A 3 -1.38 -2.85 10.92
N ALA A 4 -1.59 -3.17 9.63
CA ALA A 4 -1.93 -2.21 8.56
C ALA A 4 -2.68 -2.91 7.41
N GLY A 5 -3.75 -2.27 6.90
CA GLY A 5 -4.64 -2.81 5.85
C GLY A 5 -4.07 -2.64 4.45
N VAL A 6 -2.88 -3.18 4.19
CA VAL A 6 -2.16 -3.24 2.88
C VAL A 6 -1.48 -1.92 2.50
N GLY A 7 -1.88 -0.79 3.09
CA GLY A 7 -1.49 0.58 2.72
C GLY A 7 0.02 0.89 2.67
N GLN A 8 0.84 0.05 3.33
CA GLN A 8 2.30 -0.08 3.30
C GLN A 8 2.76 -1.19 4.26
N SER A 9 2.37 -2.42 3.92
CA SER A 9 2.84 -3.69 4.54
C SER A 9 3.05 -4.81 3.49
N TRP A 10 3.01 -4.45 2.20
CA TRP A 10 2.98 -5.35 1.03
C TRP A 10 4.37 -5.85 0.60
N LYS A 11 5.36 -4.95 0.61
CA LYS A 11 6.84 -5.11 0.47
C LYS A 11 7.54 -3.75 0.67
N GLU A 12 6.89 -2.69 0.13
CA GLU A 12 7.14 -1.25 0.34
C GLU A 12 8.20 -0.59 -0.58
N ASN A 13 8.00 0.72 -0.78
CA ASN A 13 8.68 1.73 -1.64
C ASN A 13 7.59 2.58 -2.35
N SEP A 14 6.98 2.04 -3.41
CA SEP A 14 5.90 2.68 -4.20
CB SEP A 14 6.47 3.36 -5.47
OG SEP A 14 7.36 4.41 -5.15
C SEP A 14 4.76 1.71 -4.59
O SEP A 14 4.91 0.95 -5.56
P SEP A 14 7.70 5.61 -6.19
O1P SEP A 14 6.48 6.45 -6.18
O2P SEP A 14 8.90 6.26 -5.58
O3P SEP A 14 7.99 4.94 -7.49
H SEP A 14 7.31 1.13 -3.74
HA SEP A 14 5.47 3.49 -3.61
HB2 SEP A 14 5.63 3.74 -6.05
N PRO A 15 3.63 1.70 -3.85
CA PRO A 15 2.46 0.87 -4.16
C PRO A 15 1.58 1.52 -5.24
N LEU A 16 0.65 0.74 -5.80
CA LEU A 16 -0.42 1.22 -6.68
C LEU A 16 -1.63 1.72 -5.88
N ASN A 17 -2.51 2.49 -6.53
CA ASN A 17 -3.78 3.00 -5.99
C ASN A 17 -4.56 3.73 -7.09
N VAL A 18 -5.71 3.18 -7.44
CA VAL A 18 -6.62 3.68 -8.50
C VAL A 18 -7.84 4.43 -7.90
N SER A 19 -8.44 3.90 -6.82
CA SER A 19 -9.67 4.40 -6.17
C SER A 19 -9.96 3.70 -4.83
#